data_7MNK
#
_entry.id   7MNK
#
_cell.length_a   99.930
_cell.length_b   99.930
_cell.length_c   60.160
_cell.angle_alpha   90.000
_cell.angle_beta   90.000
_cell.angle_gamma   90.000
#
_symmetry.space_group_name_H-M   'I 4 2 2'
#
loop_
_entity.id
_entity.type
_entity.pdbx_description
1 polymer 'E3 SUMO-protein ligase RanBP2'
2 non-polymer 1,2-ETHANEDIOL
3 non-polymer 'SULFATE ION'
4 water water
#
_entity_poly.entity_id   1
_entity_poly.type   'polypeptide(L)'
_entity_poly.pdbx_seq_one_letter_code
;SYEDQNSLLKMICQQVEAIKKEMQELKLNS
;
_entity_poly.pdbx_strand_id   A,B,C,D
#
# COMPACT_ATOMS: atom_id res chain seq x y z
N SER A 1 -13.24 -12.29 14.44
N SER A 1 -13.29 -12.15 14.42
CA SER A 1 -14.27 -13.10 13.81
CA SER A 1 -14.12 -13.22 13.85
C SER A 1 -14.16 -12.92 12.31
C SER A 1 -13.87 -13.23 12.35
N TYR A 2 -14.60 -13.95 11.58
N TYR A 2 -14.33 -14.28 11.67
CA TYR A 2 -14.34 -14.01 10.14
CA TYR A 2 -14.27 -14.23 10.21
C TYR A 2 -14.93 -12.79 9.44
C TYR A 2 -14.94 -12.97 9.69
N GLU A 3 -16.20 -12.55 9.66
N GLU A 3 -16.07 -12.61 10.27
CA GLU A 3 -16.90 -11.46 9.02
CA GLU A 3 -16.86 -11.52 9.73
C GLU A 3 -16.19 -10.15 9.20
C GLU A 3 -16.09 -10.20 9.78
N ASP A 4 -15.85 -9.82 10.45
N ASP A 4 -15.37 -9.93 10.86
CA ASP A 4 -15.31 -8.50 10.73
CA ASP A 4 -14.76 -8.63 11.04
C ASP A 4 -13.92 -8.37 10.13
C ASP A 4 -13.36 -8.59 10.45
N GLN A 5 -13.14 -9.44 10.20
N GLN A 5 -12.70 -9.72 10.39
CA GLN A 5 -11.80 -9.41 9.63
CA GLN A 5 -11.40 -9.77 9.73
C GLN A 5 -11.85 -9.49 8.12
C GLN A 5 -11.55 -9.71 8.22
N ASN A 6 -12.80 -10.21 7.57
N ASN A 6 -12.59 -10.35 7.66
CA ASN A 6 -12.97 -10.22 6.13
CA ASN A 6 -12.76 -10.35 6.22
C ASN A 6 -13.34 -8.84 5.63
C ASN A 6 -13.17 -8.97 5.71
N SER A 7 -14.22 -8.13 6.36
N SER A 7 -14.06 -8.29 6.43
CA SER A 7 -14.56 -6.78 5.93
CA SER A 7 -14.47 -6.97 5.95
C SER A 7 -13.34 -5.87 5.99
C SER A 7 -13.29 -6.02 5.93
N LEU A 8 -12.47 -6.08 6.97
CA LEU A 8 -11.25 -5.30 7.06
C LEU A 8 -10.30 -5.64 5.91
N LEU A 9 -10.08 -6.93 5.66
CA LEU A 9 -9.18 -7.33 4.58
C LEU A 9 -9.69 -6.86 3.22
N LYS A 10 -10.98 -7.02 2.97
N LYS A 10 -10.98 -7.02 2.96
CA LYS A 10 -11.51 -6.60 1.68
CA LYS A 10 -11.51 -6.59 1.68
C LYS A 10 -11.37 -5.09 1.50
C LYS A 10 -11.34 -5.08 1.50
N MET A 11 -11.52 -4.32 2.57
CA MET A 11 -11.28 -2.89 2.53
C MET A 11 -9.83 -2.60 2.20
N ILE A 12 -8.89 -3.22 2.93
CA ILE A 12 -7.48 -2.99 2.66
C ILE A 12 -7.15 -3.32 1.20
N CYS A 13 -7.64 -4.44 0.67
CA CYS A 13 -7.35 -4.79 -0.71
C CYS A 13 -7.78 -3.68 -1.67
N GLN A 14 -9.00 -3.12 -1.49
N GLN A 14 -8.97 -3.13 -1.46
CA GLN A 14 -9.47 -2.09 -2.41
CA GLN A 14 -9.45 -2.10 -2.36
C GLN A 14 -8.75 -0.75 -2.16
C GLN A 14 -8.71 -0.79 -2.16
N GLN A 15 -8.32 -0.49 -0.92
CA GLN A 15 -7.49 0.68 -0.69
C GLN A 15 -6.14 0.58 -1.41
N VAL A 16 -5.55 -0.62 -1.43
CA VAL A 16 -4.32 -0.85 -2.19
C VAL A 16 -4.55 -0.64 -3.67
N GLU A 17 -5.68 -1.15 -4.19
CA GLU A 17 -5.99 -0.93 -5.60
C GLU A 17 -6.16 0.56 -5.91
N ALA A 18 -6.79 1.31 -5.02
CA ALA A 18 -6.90 2.77 -5.21
C ALA A 18 -5.53 3.41 -5.24
N ILE A 19 -4.64 3.05 -4.32
CA ILE A 19 -3.28 3.57 -4.34
C ILE A 19 -2.60 3.22 -5.65
N LYS A 20 -2.80 2.00 -6.17
CA LYS A 20 -2.21 1.63 -7.45
C LYS A 20 -2.64 2.61 -8.54
N LYS A 21 -3.94 2.84 -8.67
CA LYS A 21 -4.43 3.73 -9.71
C LYS A 21 -4.02 5.17 -9.50
N GLU A 22 -3.95 5.61 -8.25
CA GLU A 22 -3.47 6.94 -7.94
C GLU A 22 -2.00 7.13 -8.26
N MET A 23 -1.17 6.16 -7.93
CA MET A 23 0.25 6.21 -8.27
C MET A 23 0.46 6.17 -9.78
N GLN A 24 -0.33 5.35 -10.48
CA GLN A 24 -0.24 5.35 -11.92
C GLN A 24 -0.59 6.71 -12.50
N GLU A 25 -1.66 7.33 -12.01
CA GLU A 25 -2.02 8.68 -12.43
CA GLU A 25 -2.03 8.67 -12.44
C GLU A 25 -0.90 9.66 -12.17
N LEU A 26 -0.35 9.61 -10.98
CA LEU A 26 0.75 10.52 -10.62
C LEU A 26 1.92 10.35 -11.57
N LYS A 27 2.33 9.11 -11.81
CA LYS A 27 3.47 8.85 -12.70
C LYS A 27 3.17 9.28 -14.14
N LEU A 28 2.00 8.91 -14.65
CA LEU A 28 1.66 9.26 -16.02
C LEU A 28 1.64 10.76 -16.25
N ASN A 29 1.17 11.53 -15.25
N ASN A 29 1.18 11.53 -15.27
CA ASN A 29 1.03 12.95 -15.37
CA ASN A 29 1.05 12.97 -15.46
C ASN A 29 2.28 13.73 -15.01
C ASN A 29 2.20 13.76 -14.83
N SER A 30 3.27 13.08 -14.42
CA SER A 30 4.48 13.74 -13.97
C SER A 30 5.25 14.31 -15.11
N SER B 1 12.25 17.55 -8.60
CA SER B 1 10.92 17.99 -9.09
C SER B 1 10.03 16.77 -9.24
N TYR B 2 8.78 16.94 -9.73
CA TYR B 2 7.99 15.79 -10.15
C TYR B 2 8.37 15.33 -11.54
N GLU B 3 9.28 16.04 -12.22
N GLU B 3 9.28 16.06 -12.22
CA GLU B 3 9.62 15.77 -13.62
CA GLU B 3 9.66 15.75 -13.60
C GLU B 3 11.01 15.19 -13.80
C GLU B 3 11.00 15.03 -13.74
N ASP B 4 11.67 14.75 -12.72
N ASP B 4 11.74 14.80 -12.64
CA ASP B 4 12.99 14.13 -12.81
CA ASP B 4 13.04 14.15 -12.74
C ASP B 4 13.12 12.95 -11.87
C ASP B 4 13.14 12.88 -11.93
N GLN B 5 12.00 12.27 -11.57
CA GLN B 5 11.96 11.14 -10.65
C GLN B 5 11.28 9.92 -11.24
N ASN B 6 11.41 9.70 -12.54
CA ASN B 6 10.71 8.57 -13.13
C ASN B 6 11.12 7.25 -12.53
N SER B 7 12.40 7.05 -12.24
N SER B 7 12.39 7.05 -12.24
N SER B 7 12.41 7.06 -12.26
CA SER B 7 12.82 5.75 -11.74
CA SER B 7 12.80 5.73 -11.75
CA SER B 7 12.89 5.79 -11.73
C SER B 7 12.19 5.43 -10.39
C SER B 7 12.21 5.42 -10.38
C SER B 7 12.21 5.45 -10.40
N LEU B 8 12.11 6.42 -9.50
CA LEU B 8 11.49 6.21 -8.20
C LEU B 8 9.99 5.99 -8.34
N LEU B 9 9.33 6.74 -9.22
CA LEU B 9 7.93 6.50 -9.50
C LEU B 9 7.70 5.07 -9.96
N LYS B 10 8.54 4.60 -10.87
CA LYS B 10 8.43 3.24 -11.40
C LYS B 10 8.60 2.22 -10.29
N MET B 11 9.60 2.41 -9.43
N MET B 11 9.58 2.43 -9.42
CA MET B 11 9.82 1.50 -8.32
CA MET B 11 9.80 1.48 -8.33
C MET B 11 8.58 1.43 -7.42
C MET B 11 8.61 1.42 -7.39
N ILE B 12 8.04 2.58 -7.05
CA ILE B 12 6.85 2.60 -6.20
C ILE B 12 5.72 1.86 -6.86
N CYS B 13 5.48 2.13 -8.13
CA CYS B 13 4.39 1.43 -8.81
C CYS B 13 4.62 -0.09 -8.83
N GLN B 14 5.85 -0.54 -9.08
CA GLN B 14 6.15 -1.98 -9.04
C GLN B 14 5.83 -2.56 -7.66
N GLN B 15 6.23 -1.84 -6.63
CA GLN B 15 6.06 -2.35 -5.28
C GLN B 15 4.60 -2.35 -4.84
N VAL B 16 3.81 -1.37 -5.29
CA VAL B 16 2.39 -1.37 -5.02
C VAL B 16 1.71 -2.55 -5.68
N GLU B 17 2.07 -2.86 -6.92
CA GLU B 17 1.50 -4.02 -7.60
C GLU B 17 1.86 -5.30 -6.87
N ALA B 18 3.11 -5.41 -6.40
CA ALA B 18 3.51 -6.62 -5.66
C ALA B 18 2.68 -6.79 -4.39
N ILE B 19 2.43 -5.69 -3.65
CA ILE B 19 1.59 -5.75 -2.47
C ILE B 19 0.19 -6.15 -2.82
N LYS B 20 -0.36 -5.59 -3.91
CA LYS B 20 -1.70 -5.99 -4.36
C LYS B 20 -1.80 -7.48 -4.51
N LYS B 21 -0.85 -8.08 -5.21
N LYS B 21 -0.84 -8.08 -5.20
CA LYS B 21 -0.92 -9.52 -5.44
CA LYS B 21 -0.91 -9.53 -5.41
C LYS B 21 -0.84 -10.28 -4.12
C LYS B 21 -0.82 -10.28 -4.10
N GLU B 22 0.05 -9.87 -3.22
N GLU B 22 0.06 -9.84 -3.19
CA GLU B 22 0.16 -10.55 -1.93
CA GLU B 22 0.20 -10.52 -1.90
C GLU B 22 -1.13 -10.43 -1.13
C GLU B 22 -1.08 -10.41 -1.07
N MET B 23 -1.73 -9.25 -1.12
CA MET B 23 -2.95 -9.10 -0.35
CA MET B 23 -2.97 -9.05 -0.37
C MET B 23 -4.06 -9.98 -0.88
N GLN B 24 -4.11 -10.21 -2.18
CA GLN B 24 -5.08 -11.11 -2.78
C GLN B 24 -4.80 -12.55 -2.41
N GLU B 25 -3.58 -12.88 -2.01
CA GLU B 25 -3.17 -14.21 -1.60
C GLU B 25 -3.44 -14.52 -0.12
N LEU B 26 -3.63 -13.51 0.71
N LEU B 26 -3.66 -13.52 0.71
CA LEU B 26 -3.90 -13.74 2.12
CA LEU B 26 -3.82 -13.73 2.14
C LEU B 26 -5.17 -14.54 2.30
C LEU B 26 -5.16 -14.39 2.45
N LYS B 27 -5.13 -15.41 3.28
CA LYS B 27 -6.29 -16.23 3.64
C LYS B 27 -6.55 -16.08 5.12
N LEU B 28 -7.82 -15.87 5.49
CA LEU B 28 -8.24 -15.80 6.88
C LEU B 28 -8.83 -17.13 7.31
N ASN B 29 -8.57 -17.45 8.57
CA ASN B 29 -9.15 -18.62 9.21
C ASN B 29 -8.84 -19.88 8.42
N SER B 30 -7.58 -19.99 7.99
CA SER B 30 -7.10 -21.17 7.30
C SER B 30 -6.18 -22.01 8.17
N SER C 1 -1.14 -23.08 5.64
CA SER C 1 -0.99 -23.19 7.08
C SER C 1 -0.99 -21.78 7.69
N TYR C 2 -1.25 -21.70 8.98
CA TYR C 2 -1.18 -20.41 9.66
C TYR C 2 0.20 -19.81 9.49
N GLU C 3 1.25 -20.61 9.58
CA GLU C 3 2.60 -20.11 9.46
C GLU C 3 2.84 -19.50 8.09
N ASP C 4 2.30 -20.12 7.04
CA ASP C 4 2.43 -19.56 5.68
C ASP C 4 1.81 -18.15 5.65
N GLN C 5 0.63 -18.02 6.25
CA GLN C 5 -0.11 -16.76 6.19
C GLN C 5 0.52 -15.69 7.07
N ASN C 6 1.01 -16.08 8.24
CA ASN C 6 1.68 -15.13 9.11
C ASN C 6 2.94 -14.60 8.44
N SER C 7 3.69 -15.48 7.77
CA SER C 7 4.86 -15.04 7.00
CA SER C 7 4.86 -15.00 7.04
CA SER C 7 4.86 -15.01 7.03
C SER C 7 4.47 -14.03 5.93
N LEU C 8 3.39 -14.32 5.22
CA LEU C 8 2.91 -13.44 4.17
C LEU C 8 2.54 -12.08 4.73
N LEU C 9 1.80 -12.06 5.84
CA LEU C 9 1.42 -10.79 6.46
C LEU C 9 2.63 -9.98 6.89
N LYS C 10 3.63 -10.67 7.46
CA LYS C 10 4.85 -9.97 7.87
C LYS C 10 5.57 -9.35 6.67
N MET C 11 5.63 -10.07 5.54
CA MET C 11 6.28 -9.52 4.36
CA MET C 11 6.27 -9.54 4.35
C MET C 11 5.49 -8.32 3.83
N ILE C 12 4.17 -8.42 3.81
CA ILE C 12 3.36 -7.30 3.36
C ILE C 12 3.60 -6.06 4.22
N CYS C 13 3.64 -6.24 5.54
CA CYS C 13 3.86 -5.08 6.40
C CYS C 13 5.22 -4.42 6.12
N GLN C 14 6.26 -5.24 5.88
N GLN C 14 6.27 -5.23 5.93
CA GLN C 14 7.57 -4.71 5.54
CA GLN C 14 7.57 -4.65 5.64
C GLN C 14 7.51 -3.93 4.22
C GLN C 14 7.54 -3.85 4.34
N GLN C 15 6.80 -4.50 3.25
N GLN C 15 6.87 -4.41 3.33
CA GLN C 15 6.67 -3.86 1.94
CA GLN C 15 6.78 -3.75 2.04
C GLN C 15 5.90 -2.54 2.01
C GLN C 15 5.97 -2.47 2.11
N VAL C 16 4.89 -2.47 2.88
CA VAL C 16 4.11 -1.25 3.07
C VAL C 16 4.99 -0.16 3.69
N GLU C 17 5.81 -0.52 4.68
CA GLU C 17 6.72 0.46 5.25
C GLU C 17 7.71 0.99 4.19
N ALA C 18 8.23 0.11 3.34
CA ALA C 18 9.15 0.53 2.28
C ALA C 18 8.48 1.52 1.32
N ILE C 19 7.24 1.25 0.90
CA ILE C 19 6.58 2.20 0.01
C ILE C 19 6.30 3.51 0.72
N LYS C 20 5.96 3.47 2.02
CA LYS C 20 5.77 4.70 2.77
C LYS C 20 7.04 5.57 2.70
N LYS C 21 8.18 4.96 2.97
N LYS C 21 8.19 4.95 2.94
CA LYS C 21 9.43 5.71 2.97
CA LYS C 21 9.44 5.71 2.88
C LYS C 21 9.77 6.23 1.58
C LYS C 21 9.74 6.20 1.46
N GLU C 22 9.49 5.45 0.55
N GLU C 22 9.51 5.36 0.45
CA GLU C 22 9.79 5.87 -0.81
CA GLU C 22 9.70 5.79 -0.94
C GLU C 22 8.85 6.98 -1.29
C GLU C 22 8.83 7.00 -1.26
N MET C 23 7.58 6.93 -0.91
N MET C 23 7.61 7.04 -0.71
CA MET C 23 6.65 8.02 -1.23
CA MET C 23 6.73 8.18 -0.96
C MET C 23 7.06 9.30 -0.53
C MET C 23 7.22 9.43 -0.26
N GLN C 24 7.56 9.19 0.70
N GLN C 24 7.68 9.30 1.00
CA GLN C 24 8.08 10.36 1.39
CA GLN C 24 8.28 10.44 1.69
C GLN C 24 9.30 10.90 0.68
C GLN C 24 9.45 10.98 0.87
N GLU C 25 10.23 10.02 0.28
N GLU C 25 10.31 10.09 0.37
CA GLU C 25 11.41 10.44 -0.48
CA GLU C 25 11.44 10.48 -0.47
C GLU C 25 11.03 11.17 -1.75
C GLU C 25 10.97 11.23 -1.72
N LEU C 26 10.02 10.65 -2.46
CA LEU C 26 9.49 11.27 -3.66
C LEU C 26 9.04 12.67 -3.39
N LYS C 27 8.25 12.85 -2.31
CA LYS C 27 7.78 14.19 -1.95
C LYS C 27 8.92 15.11 -1.54
N LEU C 28 9.86 14.60 -0.74
CA LEU C 28 10.99 15.42 -0.32
C LEU C 28 11.82 15.92 -1.50
N ASN C 29 11.89 15.14 -2.58
N ASN C 29 11.99 15.08 -2.53
CA ASN C 29 12.61 15.53 -3.78
CA ASN C 29 12.83 15.41 -3.66
C ASN C 29 11.73 16.24 -4.83
C ASN C 29 12.16 16.35 -4.65
N SER C 30 10.44 16.37 -4.58
N SER C 30 10.86 16.53 -4.56
CA SER C 30 9.54 16.99 -5.53
CA SER C 30 10.13 17.30 -5.54
C SER C 30 9.70 18.52 -5.58
C SER C 30 10.49 18.79 -5.50
N SER D 1 -1.54 20.11 -12.73
CA SER D 1 -0.74 21.20 -12.17
C SER D 1 0.08 20.66 -11.00
N TYR D 2 1.08 21.43 -10.58
CA TYR D 2 1.89 21.03 -9.43
C TYR D 2 1.03 20.91 -8.19
N GLU D 3 0.03 21.77 -8.05
CA GLU D 3 -0.88 21.64 -6.92
C GLU D 3 -1.70 20.36 -7.03
N ASP D 4 -2.11 19.98 -8.24
CA ASP D 4 -2.86 18.73 -8.41
C ASP D 4 -2.00 17.54 -7.99
N GLN D 5 -0.73 17.54 -8.39
N GLN D 5 -0.73 17.53 -8.46
CA GLN D 5 0.09 16.39 -8.04
CA GLN D 5 0.22 16.47 -8.12
C GLN D 5 0.43 16.38 -6.57
C GLN D 5 0.45 16.40 -6.62
N ASN D 6 0.66 17.53 -5.97
CA ASN D 6 0.88 17.57 -4.52
C ASN D 6 -0.31 17.02 -3.78
N SER D 7 -1.51 17.44 -4.16
N SER D 7 -1.52 17.46 -4.15
CA SER D 7 -2.68 16.98 -3.44
CA SER D 7 -2.71 17.00 -3.47
C SER D 7 -2.82 15.48 -3.63
C SER D 7 -2.87 15.50 -3.65
N LEU D 8 -2.56 15.00 -4.83
CA LEU D 8 -2.64 13.56 -5.11
C LEU D 8 -1.60 12.79 -4.29
N LEU D 9 -0.35 13.23 -4.28
CA LEU D 9 0.65 12.53 -3.47
C LEU D 9 0.32 12.60 -1.99
N LYS D 10 -0.22 13.71 -1.52
CA LYS D 10 -0.61 13.77 -0.12
CA LYS D 10 -0.67 13.82 -0.13
C LYS D 10 -1.70 12.75 0.20
N MET D 11 -2.69 12.59 -0.70
N MET D 11 -2.70 12.58 -0.65
CA MET D 11 -3.76 11.61 -0.48
CA MET D 11 -3.71 11.59 -0.35
C MET D 11 -3.18 10.21 -0.47
C MET D 11 -3.10 10.20 -0.39
N ILE D 12 -2.23 9.93 -1.37
CA ILE D 12 -1.60 8.62 -1.43
C ILE D 12 -0.87 8.33 -0.13
N CYS D 13 -0.10 9.29 0.36
CA CYS D 13 0.64 9.05 1.59
C CYS D 13 -0.32 8.83 2.77
N GLN D 14 -1.42 9.58 2.85
CA GLN D 14 -2.41 9.34 3.91
C GLN D 14 -2.96 7.93 3.83
N GLN D 15 -3.26 7.48 2.62
CA GLN D 15 -3.86 6.17 2.43
C GLN D 15 -2.88 5.06 2.77
N VAL D 16 -1.58 5.26 2.47
CA VAL D 16 -0.59 4.26 2.84
C VAL D 16 -0.47 4.17 4.35
N GLU D 17 -0.50 5.31 5.04
CA GLU D 17 -0.44 5.25 6.50
C GLU D 17 -1.67 4.54 7.06
N ALA D 18 -2.84 4.76 6.46
CA ALA D 18 -4.05 4.08 6.90
C ALA D 18 -3.93 2.57 6.72
N ILE D 19 -3.41 2.12 5.58
CA ILE D 19 -3.20 0.69 5.39
C ILE D 19 -2.21 0.14 6.39
N LYS D 20 -1.14 0.88 6.67
N LYS D 20 -1.15 0.89 6.69
CA LYS D 20 -0.17 0.44 7.67
CA LYS D 20 -0.15 0.45 7.65
C LYS D 20 -0.87 0.14 8.97
C LYS D 20 -0.79 0.17 8.99
N LYS D 21 -1.67 1.08 9.44
CA LYS D 21 -2.35 0.90 10.72
C LYS D 21 -3.36 -0.24 10.66
N GLU D 22 -4.11 -0.34 9.56
CA GLU D 22 -5.12 -1.37 9.42
C GLU D 22 -4.47 -2.75 9.43
N MET D 23 -3.31 -2.87 8.79
N MET D 23 -3.31 -2.89 8.84
CA MET D 23 -2.57 -4.12 8.75
CA MET D 23 -2.71 -4.22 8.82
C MET D 23 -2.29 -4.64 10.16
C MET D 23 -2.25 -4.66 10.19
N GLN D 24 -1.99 -3.72 11.10
CA GLN D 24 -1.71 -4.11 12.48
C GLN D 24 -2.96 -4.58 13.23
N GLU D 25 -4.15 -4.29 12.72
N GLU D 25 -4.15 -4.23 12.73
CA GLU D 25 -5.40 -4.76 13.33
CA GLU D 25 -5.38 -4.70 13.33
C GLU D 25 -5.88 -6.09 12.77
C GLU D 25 -5.67 -6.13 12.91
N LEU D 26 -5.28 -6.57 11.69
N LEU D 26 -5.22 -6.52 11.73
CA LEU D 26 -5.76 -7.78 11.04
CA LEU D 26 -5.61 -7.81 11.16
C LEU D 26 -5.28 -9.01 11.82
C LEU D 26 -5.32 -8.94 12.11
N LYS D 27 -6.22 -9.90 12.10
CA LYS D 27 -6.01 -11.15 12.83
C LYS D 27 -6.28 -12.26 11.84
N LEU D 28 -5.27 -13.02 11.50
CA LEU D 28 -5.44 -14.00 10.44
C LEU D 28 -6.33 -15.16 10.86
N ASN D 29 -6.29 -15.58 12.13
CA ASN D 29 -7.19 -16.60 12.66
CA ASN D 29 -7.18 -16.61 12.67
C ASN D 29 -7.88 -16.01 13.88
N SER D 30 -9.19 -15.95 13.83
CA SER D 30 -9.97 -15.34 14.91
C SER D 30 -11.34 -15.95 14.95
#